data_3FNH
#
_entry.id   3FNH
#
_cell.length_a   90.022
_cell.length_b   90.022
_cell.length_c   183.144
_cell.angle_alpha   90.00
_cell.angle_beta   90.00
_cell.angle_gamma   90.00
#
_symmetry.space_group_name_H-M   'I 41 2 2'
#
loop_
_entity.id
_entity.type
_entity.pdbx_description
1 polymer 'Enoyl-[acyl-carrier-protein] reductase [NADH]'
2 non-polymer NICOTINAMIDE-ADENINE-DINUCLEOTIDE
3 non-polymer 2-(2,4-DICHLOROPHENOXY)-5-(2-PHENYLETHYL)PHENOL
4 water water
#
_entity_poly.entity_id   1
_entity_poly.type   'polypeptide(L)'
_entity_poly.pdbx_seq_one_letter_code
;MTGLLDGKRILVSGIITDSSIAFHIARVAQEQGAQLVLTGFDRLRLIQRITDRLPAKAPLLELDVQNEEHLASLAGRVTE
AIGAGNKLDGVVHSIGFMPQTGMGINPFFDAPYADVSKGIHISAYSYASMAKALLPIMNPGGSIVGMDFDPSRAMPAYNW
MTVAKSALESVNRFVAREAGKYGVRSNLVAAGPIRTLAMSAIVGGALGEEAGAQIQLLEEGWDQRAPIGWNMKDATPVAK
TVCALLSDWLPATTGDIIYADGGAHTQLL
;
_entity_poly.pdbx_strand_id   A
#
loop_
_chem_comp.id
_chem_comp.type
_chem_comp.name
_chem_comp.formula
JPJ non-polymer 2-(2,4-DICHLOROPHENOXY)-5-(2-PHENYLETHYL)PHENOL 'C20 H16 Cl2 O2'
NAD non-polymer NICOTINAMIDE-ADENINE-DINUCLEOTIDE 'C21 H27 N7 O14 P2'
#
# COMPACT_ATOMS: atom_id res chain seq x y z
N THR A 2 3.18 -14.65 -22.35
CA THR A 2 2.79 -13.36 -21.68
C THR A 2 3.77 -12.96 -20.57
N GLY A 3 3.29 -12.23 -19.57
CA GLY A 3 4.12 -11.81 -18.45
C GLY A 3 4.13 -10.29 -18.29
N LEU A 4 2.95 -9.73 -18.06
CA LEU A 4 2.73 -8.30 -17.79
C LEU A 4 3.92 -7.55 -17.14
N LEU A 5 4.48 -8.09 -16.06
CA LEU A 5 5.68 -7.50 -15.47
C LEU A 5 6.95 -8.23 -15.90
N ASP A 6 6.97 -8.69 -17.17
CA ASP A 6 8.02 -9.62 -17.67
C ASP A 6 9.50 -9.19 -17.66
N GLY A 7 10.23 -9.90 -16.78
CA GLY A 7 11.55 -9.52 -16.33
C GLY A 7 11.51 -8.05 -16.01
N LYS A 8 10.66 -7.67 -15.04
CA LYS A 8 10.73 -6.35 -14.43
C LYS A 8 11.17 -6.58 -13.00
N ARG A 9 11.67 -5.55 -12.35
CA ARG A 9 12.16 -5.71 -10.99
C ARG A 9 11.51 -4.78 -10.01
N ILE A 10 10.55 -5.29 -9.23
CA ILE A 10 9.83 -4.48 -8.26
C ILE A 10 10.08 -4.85 -6.81
N LEU A 11 10.62 -3.95 -6.03
CA LEU A 11 10.54 -4.11 -4.59
C LEU A 11 9.08 -3.83 -4.09
N VAL A 12 8.38 -4.89 -3.69
CA VAL A 12 7.14 -4.83 -2.90
C VAL A 12 7.41 -4.78 -1.40
N SER A 13 6.91 -3.75 -0.71
CA SER A 13 7.00 -3.66 0.76
C SER A 13 5.67 -4.00 1.47
N GLY A 14 5.69 -3.98 2.81
CA GLY A 14 4.49 -4.12 3.62
C GLY A 14 3.79 -5.47 3.81
N ILE A 15 4.45 -6.58 3.44
CA ILE A 15 3.91 -7.94 3.73
C ILE A 15 4.05 -8.29 5.23
N ILE A 16 3.02 -8.94 5.80
CA ILE A 16 3.01 -9.38 7.22
C ILE A 16 2.05 -10.52 7.47
N THR A 17 1.43 -11.06 6.40
CA THR A 17 0.60 -12.31 6.45
C THR A 17 0.13 -12.73 5.05
N ASP A 18 -0.73 -13.72 4.98
CA ASP A 18 -0.98 -14.31 3.68
C ASP A 18 -2.29 -13.82 3.06
N SER A 19 -2.83 -12.75 3.63
CA SER A 19 -3.90 -12.01 2.98
C SER A 19 -3.69 -10.48 3.18
N SER A 20 -2.45 -10.11 3.55
CA SER A 20 -1.90 -8.77 3.42
C SER A 20 -2.02 -8.39 1.97
N ILE A 21 -2.18 -7.08 1.67
CA ILE A 21 -2.44 -6.66 0.30
C ILE A 21 -1.16 -6.87 -0.49
N ALA A 22 -0.06 -6.45 0.11
CA ALA A 22 1.24 -6.59 -0.50
C ALA A 22 1.44 -7.99 -1.09
N PHE A 23 0.91 -8.99 -0.37
CA PHE A 23 1.13 -10.39 -0.66
C PHE A 23 0.59 -10.75 -2.01
N HIS A 24 -0.69 -10.49 -2.20
CA HIS A 24 -1.36 -10.84 -3.45
C HIS A 24 -0.91 -9.99 -4.66
N ILE A 25 -0.43 -8.78 -4.34
CA ILE A 25 0.32 -7.97 -5.30
C ILE A 25 1.50 -8.87 -5.72
N ALA A 26 2.36 -9.22 -4.76
CA ALA A 26 3.54 -9.99 -5.10
C ALA A 26 3.21 -11.29 -5.80
N ARG A 27 2.33 -12.09 -5.21
CA ARG A 27 1.93 -13.29 -5.90
C ARG A 27 1.71 -12.93 -7.35
N VAL A 28 0.68 -12.14 -7.64
CA VAL A 28 0.29 -11.82 -9.05
C VAL A 28 1.48 -11.23 -9.82
N ALA A 29 2.30 -10.49 -9.11
CA ALA A 29 3.47 -9.91 -9.70
C ALA A 29 4.32 -11.03 -10.34
N GLN A 30 4.69 -12.05 -9.54
CA GLN A 30 5.48 -13.21 -10.03
C GLN A 30 4.76 -14.08 -11.04
N GLU A 31 3.52 -14.47 -10.77
CA GLU A 31 2.76 -15.22 -11.77
C GLU A 31 3.09 -14.60 -13.11
N GLN A 32 3.75 -13.45 -12.98
CA GLN A 32 3.88 -12.45 -14.02
C GLN A 32 5.35 -12.03 -14.23
N GLY A 33 6.27 -12.99 -14.17
CA GLY A 33 7.66 -12.74 -14.49
C GLY A 33 8.34 -11.71 -13.61
N ALA A 34 7.61 -11.07 -12.70
CA ALA A 34 8.25 -9.97 -11.99
C ALA A 34 9.42 -10.50 -11.20
N GLN A 35 10.25 -9.66 -10.67
CA GLN A 35 11.26 -10.20 -9.87
C GLN A 35 11.51 -9.30 -8.72
N LEU A 36 11.19 -9.82 -7.55
CA LEU A 36 10.87 -8.99 -6.45
C LEU A 36 11.98 -8.90 -5.46
N VAL A 37 12.15 -7.75 -4.85
CA VAL A 37 12.88 -7.69 -3.59
C VAL A 37 11.65 -7.55 -2.69
N LEU A 38 11.80 -7.41 -1.37
CA LEU A 38 10.68 -7.36 -0.45
C LEU A 38 11.10 -6.74 0.87
N THR A 39 10.32 -5.84 1.46
CA THR A 39 10.72 -5.39 2.79
C THR A 39 9.66 -5.72 3.83
N GLY A 40 10.07 -5.75 5.11
CA GLY A 40 9.23 -6.19 6.22
C GLY A 40 9.54 -5.34 7.44
N PHE A 41 8.68 -5.38 8.47
CA PHE A 41 8.83 -4.43 9.62
C PHE A 41 9.60 -4.92 10.90
N ASP A 42 8.90 -5.54 11.86
CA ASP A 42 9.51 -5.78 13.17
C ASP A 42 9.89 -7.25 13.29
N ARG A 43 8.85 -8.09 13.24
CA ARG A 43 9.06 -9.50 13.10
C ARG A 43 9.25 -9.92 11.64
N LEU A 44 10.49 -9.70 11.21
CA LEU A 44 11.09 -10.27 9.99
C LEU A 44 10.91 -11.78 9.89
N ARG A 45 11.19 -12.50 10.98
CA ARG A 45 11.12 -13.97 10.94
C ARG A 45 9.74 -14.43 10.51
N LEU A 46 8.72 -13.90 11.19
CA LEU A 46 7.30 -14.04 10.75
C LEU A 46 7.08 -13.80 9.25
N ILE A 47 7.46 -12.60 8.79
CA ILE A 47 7.18 -12.16 7.41
C ILE A 47 7.84 -13.14 6.46
N GLN A 48 9.16 -13.23 6.65
CA GLN A 48 10.07 -14.33 6.29
C GLN A 48 9.40 -15.70 6.16
N ARG A 49 8.70 -16.14 7.22
CA ARG A 49 7.94 -17.38 7.18
C ARG A 49 6.86 -17.34 6.11
N ILE A 50 6.05 -16.26 6.12
CA ILE A 50 4.89 -16.09 5.17
C ILE A 50 5.36 -15.94 3.74
N THR A 51 6.40 -15.13 3.54
CA THR A 51 6.89 -14.87 2.18
C THR A 51 7.18 -16.20 1.47
N ASP A 52 7.82 -17.12 2.21
CA ASP A 52 8.18 -18.45 1.73
C ASP A 52 7.06 -19.18 0.95
N ARG A 53 5.89 -18.53 0.81
CA ARG A 53 4.71 -19.20 0.23
C ARG A 53 4.35 -18.74 -1.19
N LEU A 54 5.17 -17.84 -1.75
CA LEU A 54 4.96 -17.28 -3.08
C LEU A 54 5.46 -18.24 -4.14
N PRO A 55 5.01 -18.09 -5.42
CA PRO A 55 5.59 -18.93 -6.48
C PRO A 55 7.13 -19.12 -6.42
N ALA A 56 7.87 -18.01 -6.45
CA ALA A 56 9.31 -18.05 -6.61
C ALA A 56 9.98 -17.42 -5.40
N LYS A 57 11.26 -17.74 -5.19
CA LYS A 57 12.01 -17.29 -3.99
C LYS A 57 12.32 -15.81 -4.17
N ALA A 58 12.64 -15.06 -3.13
CA ALA A 58 13.03 -13.68 -3.39
C ALA A 58 13.40 -12.91 -2.15
N PRO A 59 14.39 -12.02 -2.27
CA PRO A 59 15.10 -11.37 -1.17
C PRO A 59 14.21 -10.50 -0.27
N LEU A 60 14.49 -10.46 1.03
CA LEU A 60 13.74 -9.68 1.97
C LEU A 60 14.68 -8.86 2.81
N LEU A 61 14.39 -7.58 2.99
CA LEU A 61 15.30 -6.69 3.70
C LEU A 61 14.51 -5.97 4.81
N GLU A 62 15.17 -5.44 5.83
CA GLU A 62 14.44 -4.99 7.01
C GLU A 62 14.18 -3.49 6.98
N LEU A 63 12.91 -3.11 6.83
CA LEU A 63 12.58 -1.69 6.62
C LEU A 63 11.61 -1.09 7.64
N ASP A 64 12.14 -0.46 8.67
CA ASP A 64 11.31 0.31 9.59
C ASP A 64 11.40 1.73 9.10
N VAL A 65 10.43 2.06 8.23
CA VAL A 65 10.19 3.37 7.63
C VAL A 65 10.42 4.56 8.56
N GLN A 66 10.57 4.31 9.86
CA GLN A 66 10.75 5.39 10.81
C GLN A 66 12.19 5.62 11.23
N ASN A 67 13.14 5.01 10.53
CA ASN A 67 14.54 5.27 10.86
C ASN A 67 15.53 5.29 9.66
N GLU A 68 16.27 6.38 9.55
CA GLU A 68 16.90 6.69 8.26
C GLU A 68 18.10 5.86 7.86
N GLU A 69 18.61 5.02 8.76
CA GLU A 69 19.64 4.08 8.38
C GLU A 69 19.11 3.00 7.44
N HIS A 70 17.87 2.56 7.62
CA HIS A 70 17.29 1.67 6.58
C HIS A 70 16.94 2.46 5.32
N LEU A 71 16.55 3.72 5.55
CA LEU A 71 16.31 4.67 4.46
C LEU A 71 17.64 4.90 3.73
N ALA A 72 18.64 5.35 4.48
CA ALA A 72 19.95 5.63 3.94
C ALA A 72 20.60 4.41 3.26
N SER A 73 20.33 3.20 3.76
CA SER A 73 21.04 2.04 3.16
C SER A 73 20.33 1.35 2.02
N LEU A 74 19.02 1.59 1.92
CA LEU A 74 18.09 0.74 1.20
C LEU A 74 18.44 0.57 -0.28
N ALA A 75 18.88 1.64 -0.92
CA ALA A 75 19.26 1.49 -2.32
C ALA A 75 20.56 0.68 -2.50
N GLY A 76 21.53 0.84 -1.57
CA GLY A 76 22.68 -0.07 -1.48
C GLY A 76 22.23 -1.52 -1.43
N ARG A 77 21.50 -1.83 -0.35
CA ARG A 77 20.99 -3.16 -0.08
C ARG A 77 20.25 -3.78 -1.28
N VAL A 78 19.40 -2.98 -1.90
CA VAL A 78 18.55 -3.43 -3.01
C VAL A 78 19.41 -3.79 -4.21
N THR A 79 20.32 -2.85 -4.57
CA THR A 79 21.31 -3.09 -5.63
C THR A 79 22.24 -4.29 -5.28
N GLU A 80 22.61 -4.41 -4.00
CA GLU A 80 23.14 -5.70 -3.54
C GLU A 80 22.16 -6.83 -3.93
N ALA A 81 20.92 -6.78 -3.43
CA ALA A 81 19.88 -7.75 -3.79
C ALA A 81 19.63 -8.08 -5.27
N ILE A 82 19.95 -7.16 -6.19
CA ILE A 82 19.68 -7.45 -7.64
C ILE A 82 20.90 -7.26 -8.52
N GLY A 83 21.98 -6.85 -7.89
CA GLY A 83 23.26 -6.84 -8.55
C GLY A 83 23.58 -5.51 -9.20
N ALA A 84 24.53 -4.80 -8.56
CA ALA A 84 25.17 -3.57 -9.09
C ALA A 84 25.16 -3.54 -10.64
N GLY A 85 24.85 -2.36 -11.19
CA GLY A 85 24.56 -2.22 -12.62
C GLY A 85 23.12 -2.63 -12.92
N ASN A 86 22.35 -2.84 -11.84
CA ASN A 86 20.87 -3.04 -11.93
C ASN A 86 19.98 -2.07 -11.13
N LYS A 87 18.80 -1.84 -11.71
CA LYS A 87 17.90 -0.78 -11.30
C LYS A 87 16.48 -1.30 -11.05
N LEU A 88 15.80 -0.65 -10.12
CA LEU A 88 14.38 -0.91 -9.89
C LEU A 88 13.53 -0.50 -11.09
N ASP A 89 12.58 -1.36 -11.43
CA ASP A 89 11.56 -1.05 -12.39
C ASP A 89 10.21 -0.50 -11.79
N GLY A 90 9.83 -1.03 -10.63
CA GLY A 90 8.65 -0.63 -9.90
C GLY A 90 8.96 -0.58 -8.42
N VAL A 91 8.18 0.21 -7.66
CA VAL A 91 8.15 0.13 -6.20
C VAL A 91 6.72 0.10 -5.67
N VAL A 92 6.44 -0.83 -4.76
CA VAL A 92 5.11 -0.89 -4.12
C VAL A 92 5.15 -0.50 -2.63
N HIS A 93 4.71 0.73 -2.32
CA HIS A 93 4.48 1.14 -0.95
C HIS A 93 3.13 0.58 -0.62
N SER A 94 3.06 -0.13 0.50
CA SER A 94 1.82 -0.72 0.94
C SER A 94 1.89 -0.89 2.45
N ILE A 95 2.64 -0.03 3.09
CA ILE A 95 2.61 0.07 4.50
C ILE A 95 1.54 1.10 4.91
N GLY A 96 1.37 1.30 6.23
CA GLY A 96 0.35 2.16 6.81
C GLY A 96 0.06 1.70 8.23
N PHE A 97 -0.19 2.66 9.13
CA PHE A 97 -0.36 2.34 10.53
C PHE A 97 -0.94 3.51 11.37
N MET A 98 -1.81 3.18 12.34
CA MET A 98 -2.36 4.15 13.29
C MET A 98 -2.57 3.59 14.71
N PRO A 99 -1.90 4.19 15.73
CA PRO A 99 -2.24 3.97 17.14
C PRO A 99 -3.73 3.81 17.34
N GLN A 100 -4.11 2.64 17.83
CA GLN A 100 -5.47 2.32 18.29
C GLN A 100 -6.27 3.55 18.85
N THR A 101 -5.59 4.59 19.30
CA THR A 101 -6.28 5.68 19.98
C THR A 101 -6.87 6.71 19.01
N GLY A 102 -6.58 6.49 17.72
CA GLY A 102 -6.97 7.42 16.65
C GLY A 102 -8.03 6.80 15.76
N MET A 103 -8.66 5.76 16.24
CA MET A 103 -9.47 4.96 15.38
C MET A 103 -10.58 4.23 16.09
N GLY A 104 -11.27 3.37 15.35
CA GLY A 104 -12.52 2.72 15.82
C GLY A 104 -13.45 3.52 16.75
N ILE A 105 -13.52 3.11 18.02
CA ILE A 105 -14.47 3.70 18.96
C ILE A 105 -13.91 4.86 19.81
N ASN A 106 -12.59 4.87 20.06
CA ASN A 106 -11.96 5.98 20.77
C ASN A 106 -12.43 7.31 20.19
N PRO A 107 -12.93 8.24 21.02
CA PRO A 107 -13.48 9.44 20.35
C PRO A 107 -12.43 10.18 19.53
N PHE A 108 -12.86 10.82 18.47
CA PHE A 108 -11.95 11.54 17.55
C PHE A 108 -11.08 12.59 18.30
N PHE A 109 -11.75 13.44 19.11
CA PHE A 109 -11.08 14.49 19.86
C PHE A 109 -10.12 14.00 20.92
N ASP A 110 -10.12 12.72 21.25
CA ASP A 110 -9.25 12.29 22.32
C ASP A 110 -7.96 11.69 21.79
N ALA A 111 -7.70 11.73 20.50
CA ALA A 111 -6.41 11.16 20.01
C ALA A 111 -5.27 12.20 20.12
N PRO A 112 -4.14 11.85 20.74
CA PRO A 112 -3.24 12.96 20.99
C PRO A 112 -2.22 13.13 19.86
N TYR A 113 -1.89 14.38 19.51
CA TYR A 113 -1.00 14.57 18.36
C TYR A 113 0.18 13.65 18.32
N ALA A 114 0.64 13.17 19.46
CA ALA A 114 1.82 12.33 19.46
C ALA A 114 1.58 11.04 18.72
N ASP A 115 0.35 10.53 18.79
CA ASP A 115 0.00 9.28 18.12
C ASP A 115 -0.40 9.52 16.66
N VAL A 116 -1.12 10.63 16.42
CA VAL A 116 -1.42 11.08 15.06
C VAL A 116 -0.10 11.23 14.30
N SER A 117 0.84 11.95 14.91
CA SER A 117 2.11 12.24 14.26
C SER A 117 2.67 10.93 13.84
N LYS A 118 2.51 9.94 14.71
CA LYS A 118 3.12 8.65 14.50
C LYS A 118 2.62 8.00 13.20
N GLY A 119 1.32 7.81 13.08
CA GLY A 119 0.74 7.05 11.94
C GLY A 119 0.75 7.82 10.62
N ILE A 120 0.83 9.15 10.71
CA ILE A 120 1.06 9.96 9.54
C ILE A 120 2.48 9.67 9.05
N HIS A 121 3.43 10.05 9.89
CA HIS A 121 4.78 9.56 9.72
C HIS A 121 4.81 8.23 8.92
N ILE A 122 4.02 7.25 9.34
CA ILE A 122 4.09 5.92 8.72
C ILE A 122 3.25 5.77 7.42
N SER A 123 2.02 6.32 7.46
CA SER A 123 1.01 6.07 6.45
C SER A 123 1.17 6.96 5.20
N ALA A 124 1.72 8.16 5.40
CA ALA A 124 1.78 9.27 4.43
C ALA A 124 3.21 9.72 4.05
N TYR A 125 3.93 10.28 5.03
CA TYR A 125 5.30 10.74 4.84
C TYR A 125 6.23 9.68 4.31
N SER A 126 6.17 8.50 4.88
CA SER A 126 7.03 7.44 4.39
C SER A 126 6.88 7.09 2.89
N TYR A 127 5.83 7.57 2.23
CA TYR A 127 5.70 7.40 0.78
C TYR A 127 6.74 8.25 0.11
N ALA A 128 6.99 9.41 0.70
CA ALA A 128 8.03 10.30 0.21
C ALA A 128 9.46 9.78 0.54
N SER A 129 9.72 9.41 1.80
CA SER A 129 11.05 8.96 2.19
C SER A 129 11.46 7.77 1.33
N MET A 130 10.50 6.87 1.12
CA MET A 130 10.74 5.70 0.27
C MET A 130 11.05 6.11 -1.12
N ALA A 131 10.39 7.17 -1.61
CA ALA A 131 10.60 7.63 -3.00
C ALA A 131 11.95 8.34 -3.16
N LYS A 132 12.32 9.07 -2.12
CA LYS A 132 13.63 9.71 -2.01
C LYS A 132 14.81 8.74 -2.22
N ALA A 133 14.73 7.58 -1.56
CA ALA A 133 15.79 6.65 -1.50
C ALA A 133 15.74 5.70 -2.68
N LEU A 134 14.54 5.39 -3.16
CA LEU A 134 14.47 4.40 -4.22
C LEU A 134 14.59 4.94 -5.64
N LEU A 135 14.43 6.25 -5.81
CA LEU A 135 14.29 6.82 -7.16
C LEU A 135 15.65 6.87 -7.84
N PRO A 136 16.70 7.25 -7.08
CA PRO A 136 18.03 7.26 -7.65
C PRO A 136 18.42 5.93 -8.29
N ILE A 137 17.69 4.83 -8.06
CA ILE A 137 18.04 3.57 -8.72
C ILE A 137 16.93 2.98 -9.56
N MET A 138 15.95 3.80 -9.96
CA MET A 138 14.89 3.30 -10.83
C MET A 138 15.22 3.67 -12.29
N ASN A 139 14.73 2.87 -13.23
CA ASN A 139 14.88 3.13 -14.67
C ASN A 139 13.83 4.10 -15.15
N PRO A 140 14.19 5.02 -16.09
CA PRO A 140 13.11 5.57 -16.93
C PRO A 140 12.04 4.53 -17.11
N GLY A 141 10.79 5.00 -17.24
CA GLY A 141 9.61 4.14 -17.48
C GLY A 141 9.07 3.43 -16.24
N GLY A 142 9.67 3.73 -15.08
CA GLY A 142 9.34 3.08 -13.80
C GLY A 142 7.92 3.30 -13.32
N SER A 143 7.59 2.82 -12.12
CA SER A 143 6.26 3.01 -11.56
C SER A 143 6.27 2.81 -10.06
N ILE A 144 5.91 3.85 -9.30
CA ILE A 144 5.69 3.68 -7.86
C ILE A 144 4.20 3.67 -7.61
N VAL A 145 3.76 2.88 -6.64
CA VAL A 145 2.35 2.67 -6.31
C VAL A 145 2.18 2.50 -4.79
N GLY A 146 1.51 3.47 -4.14
CA GLY A 146 1.02 3.29 -2.76
C GLY A 146 -0.40 2.75 -2.68
N MET A 147 -0.92 2.55 -1.47
CA MET A 147 -2.26 2.00 -1.29
C MET A 147 -3.18 2.99 -0.62
N ASP A 148 -4.39 3.13 -1.11
CA ASP A 148 -5.19 4.26 -0.65
C ASP A 148 -6.58 3.81 -0.34
N PHE A 149 -7.26 4.56 0.52
CA PHE A 149 -8.66 4.32 0.91
C PHE A 149 -9.36 5.69 0.88
N ASP A 150 -10.25 5.87 -0.09
CA ASP A 150 -10.88 7.15 -0.35
C ASP A 150 -11.13 7.99 0.92
N PRO A 151 -10.30 9.01 1.15
CA PRO A 151 -10.37 9.79 2.37
C PRO A 151 -11.20 11.03 2.06
N SER A 152 -11.83 10.97 0.89
CA SER A 152 -12.43 12.10 0.23
C SER A 152 -13.65 12.67 0.94
N ARG A 153 -14.32 11.81 1.69
CA ARG A 153 -15.60 12.06 2.30
C ARG A 153 -15.44 11.34 3.66
N ALA A 154 -15.83 11.98 4.78
CA ALA A 154 -15.71 11.36 6.11
C ALA A 154 -16.64 10.15 6.36
N MET A 155 -16.18 9.24 7.20
CA MET A 155 -16.96 8.05 7.54
C MET A 155 -16.63 7.63 8.98
N PRO A 156 -17.45 6.73 9.53
CA PRO A 156 -17.23 6.33 10.94
C PRO A 156 -16.04 5.39 11.12
N ALA A 157 -15.40 5.48 12.30
CA ALA A 157 -14.30 4.55 12.72
C ALA A 157 -12.97 4.92 12.10
N TYR A 158 -12.94 5.10 10.79
CA TYR A 158 -11.64 5.30 10.11
C TYR A 158 -10.93 6.50 10.72
N ASN A 159 -11.69 7.44 11.28
CA ASN A 159 -11.14 8.56 12.06
C ASN A 159 -9.85 9.14 11.50
N TRP A 160 -8.71 9.05 12.21
CA TRP A 160 -7.48 9.74 11.80
C TRP A 160 -6.77 9.12 10.66
N MET A 161 -7.07 7.87 10.35
CA MET A 161 -6.40 7.24 9.23
C MET A 161 -6.89 7.97 8.00
N THR A 162 -8.15 8.43 8.09
CA THR A 162 -8.78 9.15 6.98
C THR A 162 -7.87 10.34 6.77
N VAL A 163 -7.60 11.02 7.87
CA VAL A 163 -6.76 12.18 7.84
C VAL A 163 -5.41 11.92 7.20
N ALA A 164 -4.76 10.80 7.56
CA ALA A 164 -3.47 10.43 6.97
C ALA A 164 -3.59 9.93 5.50
N LYS A 165 -4.69 9.27 5.13
CA LYS A 165 -4.83 9.02 3.69
C LYS A 165 -5.01 10.32 2.90
N SER A 166 -5.58 11.39 3.50
CA SER A 166 -5.74 12.62 2.75
C SER A 166 -4.35 13.21 2.49
N ALA A 167 -3.54 13.23 3.56
CA ALA A 167 -2.10 13.60 3.45
C ALA A 167 -1.48 12.73 2.35
N LEU A 168 -1.80 11.46 2.36
CA LEU A 168 -1.17 10.57 1.41
C LEU A 168 -1.41 11.11 -0.01
N GLU A 169 -2.66 11.34 -0.34
CA GLU A 169 -3.06 11.71 -1.69
C GLU A 169 -2.27 12.94 -2.14
N SER A 170 -2.03 13.83 -1.18
CA SER A 170 -1.37 15.08 -1.49
C SER A 170 0.14 14.83 -1.75
N VAL A 171 0.67 13.84 -1.03
CA VAL A 171 2.09 13.56 -1.03
C VAL A 171 2.34 12.83 -2.29
N ASN A 172 1.42 11.94 -2.64
CA ASN A 172 1.60 11.24 -3.84
C ASN A 172 1.76 12.29 -4.96
N ARG A 173 0.89 13.31 -4.99
CA ARG A 173 0.96 14.37 -6.00
C ARG A 173 2.36 14.98 -6.13
N PHE A 174 2.96 15.36 -5.00
CA PHE A 174 4.32 15.89 -4.99
C PHE A 174 5.37 14.83 -5.33
N VAL A 175 5.32 13.67 -4.71
CA VAL A 175 6.15 12.60 -5.22
C VAL A 175 6.15 12.55 -6.76
N ALA A 176 5.01 12.70 -7.45
CA ALA A 176 4.99 12.52 -8.93
C ALA A 176 5.75 13.61 -9.68
N ARG A 177 6.06 14.67 -8.97
CA ARG A 177 6.84 15.73 -9.52
C ARG A 177 8.30 15.35 -9.56
N GLU A 178 8.82 14.81 -8.44
CA GLU A 178 10.17 14.28 -8.46
C GLU A 178 10.27 13.01 -9.33
N ALA A 179 9.37 12.05 -9.13
CA ALA A 179 9.31 10.89 -10.03
C ALA A 179 9.44 11.26 -11.51
N GLY A 180 8.96 12.45 -11.89
CA GLY A 180 8.90 12.85 -13.26
C GLY A 180 10.30 13.01 -13.82
N LYS A 181 11.17 13.56 -13.02
CA LYS A 181 12.53 13.82 -13.45
C LYS A 181 13.16 12.50 -13.88
N TYR A 182 13.02 11.44 -13.09
CA TYR A 182 13.59 10.13 -13.44
C TYR A 182 12.80 9.33 -14.49
N GLY A 183 11.88 9.95 -15.19
CA GLY A 183 10.96 9.21 -16.05
C GLY A 183 9.93 8.34 -15.33
N VAL A 184 9.73 8.63 -14.02
CA VAL A 184 8.96 7.68 -13.18
C VAL A 184 7.54 8.09 -12.88
N ARG A 185 6.61 7.14 -13.01
CA ARG A 185 5.20 7.30 -12.61
C ARG A 185 5.01 7.07 -11.08
N SER A 186 4.10 7.79 -10.42
CA SER A 186 3.76 7.59 -9.02
C SER A 186 2.26 7.71 -8.85
N ASN A 187 1.58 6.66 -8.35
CA ASN A 187 0.13 6.67 -8.20
C ASN A 187 -0.34 5.87 -7.02
N LEU A 188 -1.63 5.98 -6.64
CA LEU A 188 -2.17 5.16 -5.53
C LEU A 188 -3.29 4.37 -6.11
N VAL A 189 -3.56 3.22 -5.52
CA VAL A 189 -4.81 2.52 -5.73
C VAL A 189 -5.73 2.65 -4.49
N ALA A 190 -6.88 3.24 -4.69
CA ALA A 190 -7.80 3.39 -3.61
C ALA A 190 -8.60 2.12 -3.62
N ALA A 191 -8.21 1.17 -2.75
CA ALA A 191 -8.95 -0.10 -2.67
C ALA A 191 -10.28 -0.03 -1.95
N GLY A 192 -11.28 -0.80 -2.36
CA GLY A 192 -12.39 -1.06 -1.42
C GLY A 192 -11.87 -1.93 -0.28
N PRO A 193 -12.63 -2.08 0.81
CA PRO A 193 -12.15 -2.79 2.00
C PRO A 193 -11.82 -4.29 1.78
N ILE A 194 -10.68 -4.70 2.35
CA ILE A 194 -10.17 -6.07 2.27
C ILE A 194 -9.96 -6.63 3.68
N ARG A 195 -10.28 -7.90 3.84
CA ARG A 195 -10.14 -8.54 5.15
C ARG A 195 -8.68 -8.89 5.34
N THR A 196 -8.06 -8.27 6.33
CA THR A 196 -6.63 -8.08 6.43
C THR A 196 -6.23 -8.05 7.93
N LEU A 197 -4.98 -8.37 8.26
CA LEU A 197 -4.52 -8.10 9.62
C LEU A 197 -4.95 -6.73 10.12
N ALA A 198 -4.77 -5.70 9.29
CA ALA A 198 -5.01 -4.33 9.70
C ALA A 198 -6.51 -4.07 9.86
N MET A 199 -7.29 -4.56 8.91
CA MET A 199 -8.72 -4.44 8.98
C MET A 199 -9.31 -5.01 10.26
N SER A 200 -8.68 -6.06 10.79
CA SER A 200 -9.24 -6.68 11.97
C SER A 200 -8.64 -6.15 13.25
N ALA A 201 -7.52 -5.45 13.17
CA ALA A 201 -7.03 -4.68 14.30
C ALA A 201 -8.07 -3.62 14.70
N ILE A 202 -8.78 -3.08 13.72
CA ILE A 202 -9.76 -2.04 13.99
C ILE A 202 -11.07 -2.68 14.35
N VAL A 203 -11.53 -3.54 13.44
CA VAL A 203 -12.81 -4.24 13.59
C VAL A 203 -12.81 -5.08 14.89
N GLY A 204 -11.63 -5.47 15.36
CA GLY A 204 -11.48 -6.23 16.59
C GLY A 204 -11.35 -5.35 17.82
N GLY A 205 -10.38 -4.44 17.79
CA GLY A 205 -10.16 -3.43 18.85
C GLY A 205 -11.31 -2.47 19.21
N ALA A 206 -12.45 -2.60 18.49
CA ALA A 206 -13.72 -1.84 18.74
C ALA A 206 -14.96 -2.72 19.07
N LEU A 207 -14.83 -4.05 18.90
CA LEU A 207 -15.95 -5.02 18.66
C LEU A 207 -17.36 -4.50 18.94
N GLY A 208 -17.78 -4.72 20.21
CA GLY A 208 -19.19 -4.68 20.61
C GLY A 208 -19.79 -3.31 20.81
N GLU A 209 -18.98 -2.26 20.75
CA GLU A 209 -19.54 -0.91 20.75
C GLU A 209 -20.22 -0.59 19.41
N GLU A 210 -20.94 0.55 19.40
CA GLU A 210 -21.53 1.21 18.21
C GLU A 210 -20.79 0.90 16.87
N ALA A 211 -19.86 -0.07 16.92
CA ALA A 211 -18.84 -0.32 15.88
C ALA A 211 -18.92 -1.67 15.07
N GLY A 212 -18.93 -2.83 15.74
CA GLY A 212 -19.12 -4.14 15.01
C GLY A 212 -20.36 -4.06 14.11
N ALA A 213 -20.86 -2.81 13.99
CA ALA A 213 -22.15 -2.40 13.42
C ALA A 213 -22.01 -1.26 12.39
N GLN A 214 -21.84 -0.02 12.88
CA GLN A 214 -21.68 1.17 12.03
C GLN A 214 -20.73 0.96 10.83
N ILE A 215 -19.59 0.34 11.13
CA ILE A 215 -18.60 -0.21 10.19
C ILE A 215 -19.07 -1.47 9.45
N GLN A 216 -19.85 -2.30 10.13
CA GLN A 216 -20.60 -3.36 9.45
C GLN A 216 -21.46 -2.87 8.27
N LEU A 217 -22.23 -1.79 8.50
CA LEU A 217 -23.07 -1.20 7.47
C LEU A 217 -22.12 -0.78 6.38
N LEU A 218 -21.24 0.16 6.74
CA LEU A 218 -20.18 0.60 5.85
C LEU A 218 -19.72 -0.55 4.95
N GLU A 219 -19.13 -1.59 5.54
CA GLU A 219 -18.81 -2.79 4.79
C GLU A 219 -19.88 -3.14 3.75
N GLU A 220 -21.07 -3.61 4.13
CA GLU A 220 -22.08 -3.99 3.13
C GLU A 220 -22.43 -2.85 2.18
N GLY A 221 -22.15 -1.63 2.62
CA GLY A 221 -22.23 -0.40 1.80
C GLY A 221 -21.44 -0.45 0.49
N TRP A 222 -20.27 -1.10 0.48
CA TRP A 222 -19.51 -1.37 -0.76
C TRP A 222 -20.19 -2.35 -1.74
N ASP A 223 -20.47 -3.56 -1.31
CA ASP A 223 -21.06 -4.48 -2.25
C ASP A 223 -22.40 -3.92 -2.73
N GLN A 224 -23.07 -3.10 -1.92
CA GLN A 224 -24.41 -2.67 -2.38
C GLN A 224 -24.24 -1.68 -3.46
N ARG A 225 -23.26 -0.81 -3.26
CA ARG A 225 -23.10 0.32 -4.11
C ARG A 225 -22.37 -0.05 -5.38
N ALA A 226 -21.51 -1.09 -5.34
CA ALA A 226 -20.54 -1.46 -6.42
C ALA A 226 -21.22 -2.16 -7.59
N PRO A 227 -21.41 -1.48 -8.73
CA PRO A 227 -22.26 -2.02 -9.79
C PRO A 227 -21.89 -3.42 -10.20
N ILE A 228 -20.57 -3.73 -10.21
CA ILE A 228 -20.06 -5.07 -10.52
C ILE A 228 -19.71 -5.77 -9.24
N GLY A 229 -20.19 -5.26 -8.10
CA GLY A 229 -20.04 -5.96 -6.81
C GLY A 229 -18.63 -5.89 -6.24
N TRP A 230 -18.57 -6.17 -4.94
CA TRP A 230 -17.33 -6.11 -4.18
C TRP A 230 -17.34 -7.24 -3.17
N ASN A 231 -16.23 -8.00 -3.16
CA ASN A 231 -16.09 -9.20 -2.32
C ASN A 231 -14.83 -9.04 -1.50
N MET A 232 -15.03 -8.65 -0.23
CA MET A 232 -13.99 -8.21 0.71
C MET A 232 -13.06 -9.31 1.07
N LYS A 233 -13.49 -10.51 0.74
CA LYS A 233 -12.77 -11.74 0.95
C LYS A 233 -11.61 -11.92 -0.08
N ASP A 234 -11.74 -11.32 -1.28
CA ASP A 234 -10.86 -11.57 -2.44
C ASP A 234 -9.88 -10.44 -2.88
N ALA A 235 -8.62 -10.53 -2.46
CA ALA A 235 -7.73 -9.40 -2.68
C ALA A 235 -7.28 -9.29 -4.11
N THR A 236 -7.39 -10.36 -4.86
CA THR A 236 -6.67 -10.34 -6.13
C THR A 236 -7.00 -9.14 -7.06
N PRO A 237 -8.31 -8.78 -7.25
CA PRO A 237 -8.65 -7.60 -8.07
C PRO A 237 -7.88 -6.30 -7.71
N VAL A 238 -7.70 -6.03 -6.41
CA VAL A 238 -6.82 -4.93 -6.08
C VAL A 238 -5.34 -5.16 -6.49
N ALA A 239 -4.88 -6.40 -6.45
CA ALA A 239 -3.50 -6.75 -6.82
C ALA A 239 -3.31 -6.64 -8.35
N LYS A 240 -4.21 -7.26 -9.11
CA LYS A 240 -4.22 -6.98 -10.54
C LYS A 240 -4.21 -5.44 -10.87
N THR A 241 -4.91 -4.62 -10.05
CA THR A 241 -5.04 -3.22 -10.37
C THR A 241 -3.63 -2.64 -10.15
N VAL A 242 -3.07 -2.94 -8.97
CA VAL A 242 -1.68 -2.57 -8.70
C VAL A 242 -0.75 -3.03 -9.80
N CYS A 243 -1.00 -4.23 -10.35
CA CYS A 243 -0.08 -4.71 -11.35
C CYS A 243 -0.14 -3.88 -12.61
N ALA A 244 -1.37 -3.68 -13.08
CA ALA A 244 -1.64 -2.73 -14.16
C ALA A 244 -0.86 -1.41 -14.05
N LEU A 245 -0.69 -0.88 -12.83
CA LEU A 245 0.03 0.39 -12.72
C LEU A 245 1.51 0.18 -12.74
N LEU A 246 1.97 -0.99 -12.25
CA LEU A 246 3.41 -1.31 -12.31
C LEU A 246 3.81 -1.69 -13.73
N SER A 247 2.83 -2.11 -14.54
CA SER A 247 3.08 -2.53 -15.92
C SER A 247 3.56 -1.36 -16.79
N ASP A 248 3.23 -1.36 -18.10
CA ASP A 248 3.52 -0.23 -18.99
C ASP A 248 2.25 0.18 -19.67
N TRP A 249 1.14 -0.33 -19.18
CA TRP A 249 -0.12 -0.23 -19.93
C TRP A 249 -1.00 0.98 -19.61
N LEU A 250 -0.59 1.66 -18.55
CA LEU A 250 -1.07 2.93 -18.13
C LEU A 250 0.20 3.85 -18.21
N PRO A 251 0.69 4.11 -19.43
CA PRO A 251 1.90 4.91 -19.46
C PRO A 251 1.68 6.39 -19.10
N ALA A 252 0.46 6.87 -19.33
CA ALA A 252 0.25 8.35 -19.36
C ALA A 252 -0.44 8.84 -18.10
N THR A 253 -0.34 8.09 -17.00
CA THR A 253 -1.02 8.47 -15.78
C THR A 253 -0.12 8.51 -14.52
N THR A 254 -0.14 9.63 -13.77
CA THR A 254 0.68 9.90 -12.56
C THR A 254 0.09 11.06 -11.75
N GLY A 255 0.53 11.16 -10.49
CA GLY A 255 0.00 12.03 -9.50
C GLY A 255 -1.43 11.63 -9.24
N ASP A 256 -1.76 10.37 -9.51
CA ASP A 256 -3.18 9.99 -9.67
C ASP A 256 -3.60 8.81 -8.77
N ILE A 257 -4.94 8.60 -8.65
CA ILE A 257 -5.52 7.52 -7.86
C ILE A 257 -6.35 6.61 -8.73
N ILE A 258 -6.12 5.30 -8.76
CA ILE A 258 -7.06 4.42 -9.46
C ILE A 258 -7.93 3.67 -8.47
N TYR A 259 -9.26 3.77 -8.65
CA TYR A 259 -10.18 3.17 -7.69
C TYR A 259 -10.46 1.73 -8.05
N ALA A 260 -9.84 0.78 -7.33
CA ALA A 260 -10.28 -0.63 -7.36
C ALA A 260 -11.27 -0.88 -6.25
N ASP A 261 -12.52 -0.50 -6.44
CA ASP A 261 -13.59 -0.81 -5.47
C ASP A 261 -14.92 -1.20 -6.11
N GLY A 262 -14.85 -1.67 -7.35
CA GLY A 262 -16.00 -2.19 -8.02
C GLY A 262 -16.98 -1.12 -8.35
N GLY A 263 -16.53 0.13 -8.38
CA GLY A 263 -17.44 1.22 -8.81
C GLY A 263 -18.12 1.94 -7.67
N ALA A 264 -18.02 1.37 -6.47
CA ALA A 264 -18.68 1.91 -5.27
C ALA A 264 -18.54 3.43 -5.13
N HIS A 265 -17.30 3.95 -5.23
CA HIS A 265 -17.12 5.36 -4.95
C HIS A 265 -17.86 6.25 -5.98
N THR A 266 -18.25 5.68 -7.11
CA THR A 266 -18.93 6.44 -8.18
C THR A 266 -20.43 6.36 -8.01
N GLN A 267 -20.87 5.71 -6.94
CA GLN A 267 -22.30 5.41 -6.75
C GLN A 267 -22.79 5.89 -5.39
N LEU A 268 -24.03 6.35 -5.30
CA LEU A 268 -24.54 6.95 -4.07
C LEU A 268 -25.38 5.92 -3.35
N LEU A 269 -26.18 5.21 -4.12
CA LEU A 269 -26.54 3.87 -3.73
C LEU A 269 -26.92 3.00 -4.95
PA NAD B . -1.59 -5.29 6.46
O1A NAD B . -1.69 -5.48 7.95
O2A NAD B . -1.69 -6.50 5.55
O5B NAD B . -0.28 -4.42 6.13
C5B NAD B . 0.21 -3.43 7.00
C4B NAD B . 1.72 -3.42 6.72
O4B NAD B . 2.30 -2.22 7.18
C3B NAD B . 2.41 -4.56 7.50
O3B NAD B . 3.21 -5.22 6.57
C2B NAD B . 3.21 -3.83 8.56
O2B NAD B . 4.36 -4.52 9.05
C1B NAD B . 3.53 -2.55 7.80
N9A NAD B . 4.05 -1.52 8.69
C8A NAD B . 3.50 -0.95 9.81
N7A NAD B . 4.40 -0.05 10.33
C5A NAD B . 5.51 -0.07 9.56
C6A NAD B . 6.72 0.63 9.60
N6A NAD B . 7.08 1.36 10.66
N1A NAD B . 7.66 0.38 8.62
C2A NAD B . 7.44 -0.53 7.60
N3A NAD B . 6.25 -1.22 7.55
C4A NAD B . 5.30 -0.99 8.52
O3 NAD B . -2.70 -4.17 5.99
PN NAD B . -3.20 -4.04 4.46
O1N NAD B . -4.67 -4.11 4.50
O2N NAD B . -2.55 -5.01 3.54
O5D NAD B . -2.55 -2.56 4.40
C5D NAD B . -1.71 -2.18 3.34
C4D NAD B . -1.98 -0.77 2.85
O4D NAD B . -3.22 -0.76 2.23
C3D NAD B . -2.11 0.28 3.94
O3D NAD B . -1.65 1.49 3.41
C2D NAD B . -3.60 0.44 4.14
O2D NAD B . -3.86 1.72 4.63
C1D NAD B . -4.06 0.24 2.73
N1N NAD B . -5.47 -0.12 2.52
C2N NAD B . -6.10 -1.20 3.14
C3N NAD B . -7.44 -1.44 2.81
C7N NAD B . -8.15 -2.72 3.20
O7N NAD B . -9.55 -2.75 2.99
N7N NAD B . -7.48 -3.76 3.68
C4N NAD B . -8.13 -0.63 1.90
C5N NAD B . -7.47 0.43 1.29
C6N NAD B . -6.13 0.66 1.61
CL20 JPJ C . -2.51 -0.52 7.33
C15 JPJ C . -3.37 -0.13 8.51
C16 JPJ C . -2.89 0.00 9.85
C17 JPJ C . -3.80 0.35 10.91
CL21 JPJ C . -3.37 0.49 12.35
C22 JPJ C . -5.18 0.57 10.61
C19 JPJ C . -5.66 0.42 9.28
C14 JPJ C . -4.74 0.07 8.24
O13 JPJ C . -5.12 -0.08 6.94
C2 JPJ C . -6.40 -0.21 6.50
C1 JPJ C . -7.01 0.77 5.72
O22 JPJ C . -6.37 1.92 5.36
C3 JPJ C . -7.09 -1.36 6.85
C4 JPJ C . -8.38 -1.54 6.42
C5 JPJ C . -8.99 -0.57 5.63
C6 JPJ C . -8.32 0.60 5.27
C7 JPJ C . -10.40 -0.80 5.18
C18 JPJ C . -11.09 0.50 5.50
C28 JPJ C . -12.40 0.26 6.20
C27 JPJ C . -12.45 0.42 7.59
C26 JPJ C . -13.71 0.20 8.17
C25 JPJ C . -14.86 -0.16 7.39
C24 JPJ C . -14.79 -0.30 6.01
C23 JPJ C . -13.53 -0.09 5.43
#